data_7R3T
#
_entry.id   7R3T
#
_cell.length_a   50.630
_cell.length_b   76.380
_cell.length_c   106.870
_cell.angle_alpha   90.000
_cell.angle_beta   90.000
_cell.angle_gamma   90.000
#
_symmetry.space_group_name_H-M   'P 2 21 21'
#
loop_
_entity.id
_entity.type
_entity.pdbx_description
1 polymer 'Beta-1,3-glucanase bglH'
2 non-polymer 'TETRAETHYLENE GLYCOL'
3 non-polymer GLYCEROL
4 non-polymer 1-(2-METHOXY-ETHOXY)-2-{2-[2-(2-METHOXY-ETHOXY]-ETHOXY}-ETHANE
5 non-polymer 'CHLORIDE ION'
6 water water
#
_entity_poly.entity_id   1
_entity_poly.type   'polypeptide(L)'
_entity_poly.pdbx_seq_one_letter_code
;MGSSHHHHHHSSGLVPRGSHMASNVPVTGVTVNPTTAQVEVGQSVQLNASVAPSNATNKQVTWSVSGSSIASVSPNGLVT
GLAQGTTTVTATTADGNKAASATITVAPAPSTVIVIGDEVKGLKKIGDDLLFYVNGATFADLHYKVNNGGQLNVAMAPTG
NGNYTYPVHNLKHGDTVEYFFTYNPGQGALDTPWQTYVHGVTQGTPE
;
_entity_poly.pdbx_strand_id   A,B
#
loop_
_chem_comp.id
_chem_comp.type
_chem_comp.name
_chem_comp.formula
CL non-polymer 'CHLORIDE ION' 'Cl -1'
GOL non-polymer GLYCEROL 'C3 H8 O3'
PG4 non-polymer 'TETRAETHYLENE GLYCOL' 'C8 H18 O5'
PG6 non-polymer 1-(2-METHOXY-ETHOXY)-2-{2-[2-(2-METHOXY-ETHOXY]-ETHOXY}-ETHANE 'C12 H26 O6'
#
# COMPACT_ATOMS: atom_id res chain seq x y z
N ASN A 24 -42.25 23.30 1.58
CA ASN A 24 -43.29 23.00 0.57
C ASN A 24 -42.68 22.70 -0.81
N VAL A 25 -41.35 22.72 -1.00
CA VAL A 25 -40.70 22.42 -2.32
C VAL A 25 -39.89 21.13 -2.17
N PRO A 26 -40.43 20.01 -2.69
CA PRO A 26 -39.88 18.68 -2.43
C PRO A 26 -38.61 18.38 -3.23
N VAL A 27 -37.69 17.59 -2.62
CA VAL A 27 -36.42 17.16 -3.24
C VAL A 27 -36.77 16.20 -4.39
N THR A 28 -36.14 16.38 -5.53
CA THR A 28 -36.29 15.54 -6.75
C THR A 28 -35.06 14.64 -6.96
N GLY A 29 -33.90 15.00 -6.46
CA GLY A 29 -32.69 14.21 -6.74
C GLY A 29 -31.49 14.82 -6.11
N VAL A 30 -30.37 14.15 -6.28
CA VAL A 30 -29.08 14.55 -5.65
C VAL A 30 -27.98 13.98 -6.54
N THR A 31 -26.86 14.66 -6.61
CA THR A 31 -25.64 14.10 -7.23
C THR A 31 -24.46 14.55 -6.39
N VAL A 32 -23.37 13.77 -6.45
CA VAL A 32 -22.13 14.05 -5.67
C VAL A 32 -21.04 14.39 -6.67
N ASN A 33 -20.37 15.52 -6.43
CA ASN A 33 -19.25 16.00 -7.28
C ASN A 33 -18.10 16.36 -6.34
N PRO A 34 -16.85 15.94 -6.68
CA PRO A 34 -16.57 15.11 -7.85
C PRO A 34 -17.16 13.69 -7.73
N THR A 35 -17.40 13.00 -8.84
CA THR A 35 -18.01 11.64 -8.86
C THR A 35 -16.93 10.61 -8.53
N THR A 36 -15.66 10.96 -8.68
CA THR A 36 -14.50 10.14 -8.22
C THR A 36 -13.36 11.07 -7.78
N ALA A 37 -12.36 10.53 -7.06
CA ALA A 37 -11.25 11.30 -6.46
C ALA A 37 -10.21 10.30 -5.95
N GLN A 38 -8.93 10.60 -6.17
CA GLN A 38 -7.78 9.91 -5.54
C GLN A 38 -7.24 10.78 -4.40
N VAL A 39 -7.07 10.24 -3.19
CA VAL A 39 -6.31 10.93 -2.11
C VAL A 39 -5.15 10.02 -1.69
N GLU A 40 -4.11 10.60 -1.08
CA GLU A 40 -3.11 9.80 -0.35
C GLU A 40 -3.61 9.66 1.06
N VAL A 41 -2.97 8.79 1.83
CA VAL A 41 -3.32 8.65 3.27
C VAL A 41 -3.08 10.00 3.96
N GLY A 42 -4.01 10.41 4.83
CA GLY A 42 -3.90 11.66 5.60
C GLY A 42 -4.36 12.83 4.79
N GLN A 43 -4.54 12.62 3.48
CA GLN A 43 -5.10 13.65 2.55
C GLN A 43 -6.62 13.60 2.60
N SER A 44 -7.28 14.71 2.37
CA SER A 44 -8.75 14.73 2.38
C SER A 44 -9.23 15.53 1.18
N VAL A 45 -10.51 15.38 0.82
CA VAL A 45 -11.15 15.98 -0.38
C VAL A 45 -12.58 16.36 0.02
N GLN A 46 -13.00 17.60 -0.26
CA GLN A 46 -14.36 18.09 0.08
C GLN A 46 -15.30 17.60 -1.02
N LEU A 47 -16.38 16.92 -0.65
CA LEU A 47 -17.43 16.49 -1.61
C LEU A 47 -18.66 17.42 -1.52
N ASN A 48 -19.33 17.62 -2.65
CA ASN A 48 -20.46 18.56 -2.81
C ASN A 48 -21.68 17.69 -3.13
N ALA A 49 -22.73 17.79 -2.33
CA ALA A 49 -24.02 17.15 -2.65
C ALA A 49 -24.87 18.21 -3.34
N SER A 50 -25.32 17.93 -4.55
CA SER A 50 -26.11 18.86 -5.41
C SER A 50 -27.56 18.39 -5.40
N VAL A 51 -28.40 19.12 -4.68
CA VAL A 51 -29.80 18.70 -4.45
C VAL A 51 -30.68 19.41 -5.49
N ALA A 52 -31.56 18.64 -6.14
CA ALA A 52 -32.52 19.12 -7.17
C ALA A 52 -33.92 19.07 -6.57
N PRO A 53 -34.80 20.05 -6.88
CA PRO A 53 -34.41 21.27 -7.58
C PRO A 53 -33.61 22.19 -6.65
N SER A 54 -32.94 23.18 -7.24
CA SER A 54 -32.13 24.25 -6.60
C SER A 54 -32.82 24.85 -5.39
N ASN A 55 -34.15 25.02 -5.44
CA ASN A 55 -34.97 25.72 -4.42
C ASN A 55 -35.75 24.71 -3.58
N ALA A 56 -35.29 23.46 -3.50
CA ALA A 56 -35.89 22.43 -2.59
C ALA A 56 -35.91 23.00 -1.18
N THR A 57 -37.04 22.78 -0.48
CA THR A 57 -37.26 23.26 0.90
C THR A 57 -36.18 22.62 1.80
N ASN A 58 -36.03 21.30 1.74
CA ASN A 58 -35.04 20.62 2.63
C ASN A 58 -33.86 20.12 1.78
N LYS A 59 -32.70 20.76 1.95
CA LYS A 59 -31.44 20.38 1.26
C LYS A 59 -30.47 19.67 2.23
N GLN A 60 -30.90 19.15 3.40
CA GLN A 60 -30.01 18.35 4.29
C GLN A 60 -29.70 17.01 3.61
N VAL A 61 -28.44 16.55 3.70
CA VAL A 61 -28.04 15.17 3.29
C VAL A 61 -27.27 14.49 4.45
N THR A 62 -27.33 13.17 4.48
CA THR A 62 -26.46 12.31 5.31
C THR A 62 -25.39 11.74 4.42
N TRP A 63 -24.16 11.95 4.82
CA TRP A 63 -22.96 11.33 4.21
C TRP A 63 -22.64 9.99 4.89
N SER A 64 -22.31 8.98 4.12
CA SER A 64 -21.97 7.64 4.66
C SER A 64 -20.88 7.02 3.78
N VAL A 65 -20.12 6.07 4.31
CA VAL A 65 -19.05 5.41 3.54
C VAL A 65 -19.17 3.91 3.81
N SER A 66 -19.03 3.08 2.80
CA SER A 66 -19.19 1.61 2.95
C SER A 66 -17.87 0.98 3.40
N GLY A 67 -16.70 1.61 3.21
CA GLY A 67 -15.46 1.07 3.82
C GLY A 67 -14.74 2.11 4.67
N SER A 68 -15.19 2.30 5.88
CA SER A 68 -14.68 3.31 6.82
C SER A 68 -13.27 2.99 7.31
N SER A 69 -12.70 1.83 7.01
CA SER A 69 -11.26 1.60 7.33
C SER A 69 -10.41 2.18 6.20
N ILE A 70 -11.03 2.49 5.06
CA ILE A 70 -10.32 3.06 3.88
CA ILE A 70 -10.29 3.05 3.89
C ILE A 70 -10.34 4.58 3.94
N ALA A 71 -11.50 5.16 4.27
CA ALA A 71 -11.74 6.61 4.25
C ALA A 71 -12.87 6.97 5.21
N SER A 72 -12.67 8.07 5.96
CA SER A 72 -13.64 8.72 6.88
C SER A 72 -14.43 9.83 6.12
N VAL A 73 -15.71 9.98 6.37
CA VAL A 73 -16.49 11.15 5.83
C VAL A 73 -17.16 11.85 7.03
N SER A 74 -17.00 13.15 7.08
CA SER A 74 -17.61 14.04 8.11
C SER A 74 -19.09 14.30 7.79
N PRO A 75 -19.85 14.88 8.74
CA PRO A 75 -21.22 15.31 8.46
C PRO A 75 -21.31 16.38 7.36
N ASN A 76 -20.20 16.97 6.89
CA ASN A 76 -20.23 17.98 5.79
C ASN A 76 -19.59 17.43 4.52
N GLY A 77 -19.42 16.11 4.45
CA GLY A 77 -18.91 15.46 3.24
C GLY A 77 -17.43 15.74 3.00
N LEU A 78 -16.67 16.14 4.03
CA LEU A 78 -15.19 16.06 3.94
C LEU A 78 -14.74 14.60 4.13
N VAL A 79 -14.08 14.07 3.10
CA VAL A 79 -13.60 12.66 3.04
C VAL A 79 -12.10 12.64 3.36
N THR A 80 -11.65 11.81 4.29
CA THR A 80 -10.20 11.72 4.61
C THR A 80 -9.66 10.29 4.40
N GLY A 81 -8.64 10.18 3.58
CA GLY A 81 -7.84 8.96 3.35
C GLY A 81 -7.27 8.39 4.63
N LEU A 82 -7.66 7.15 5.00
CA LEU A 82 -7.22 6.44 6.21
C LEU A 82 -6.29 5.31 5.80
N ALA A 83 -6.60 4.56 4.73
CA ALA A 83 -5.78 3.39 4.36
C ALA A 83 -6.04 3.04 2.90
N GLN A 84 -5.03 2.42 2.25
CA GLN A 84 -5.04 2.05 0.80
C GLN A 84 -6.32 1.29 0.50
N GLY A 85 -7.04 1.71 -0.52
CA GLY A 85 -8.25 1.03 -1.00
C GLY A 85 -9.08 2.00 -1.78
N THR A 86 -10.13 1.48 -2.38
CA THR A 86 -11.22 2.22 -3.05
C THR A 86 -12.49 1.97 -2.27
N THR A 87 -13.28 3.01 -1.98
CA THR A 87 -14.57 2.90 -1.26
C THR A 87 -15.59 3.85 -1.92
N THR A 88 -16.79 3.92 -1.36
CA THR A 88 -17.96 4.61 -1.92
C THR A 88 -18.48 5.53 -0.84
N VAL A 89 -18.57 6.81 -1.10
CA VAL A 89 -19.20 7.78 -0.19
C VAL A 89 -20.52 8.16 -0.81
N THR A 90 -21.59 8.09 -0.01
CA THR A 90 -22.99 8.29 -0.42
C THR A 90 -23.52 9.52 0.31
N ALA A 91 -24.10 10.46 -0.45
CA ALA A 91 -25.05 11.48 0.06
C ALA A 91 -26.49 10.98 -0.11
N THR A 92 -27.25 10.93 0.99
CA THR A 92 -28.70 10.63 1.00
C THR A 92 -29.44 11.88 1.47
N THR A 93 -30.44 12.34 0.70
CA THR A 93 -31.28 13.52 1.08
C THR A 93 -32.16 13.18 2.30
N ALA A 94 -32.22 14.11 3.27
CA ALA A 94 -33.22 14.12 4.35
C ALA A 94 -34.64 14.04 3.75
N ASP A 95 -35.01 14.94 2.83
CA ASP A 95 -36.30 14.87 2.11
C ASP A 95 -36.17 13.93 0.91
N GLY A 96 -36.90 12.82 0.90
CA GLY A 96 -37.06 11.94 -0.28
C GLY A 96 -36.16 10.71 -0.22
N ASN A 97 -35.09 10.73 0.58
CA ASN A 97 -34.09 9.62 0.64
CA ASN A 97 -34.16 9.57 0.64
C ASN A 97 -33.67 9.28 -0.79
N LYS A 98 -33.28 10.32 -1.54
CA LYS A 98 -32.60 10.16 -2.83
C LYS A 98 -31.10 10.04 -2.53
N ALA A 99 -30.40 9.16 -3.25
CA ALA A 99 -29.00 8.83 -2.92
C ALA A 99 -28.15 8.99 -4.17
N ALA A 100 -26.97 9.61 -4.05
CA ALA A 100 -25.89 9.56 -5.04
C ALA A 100 -24.59 9.16 -4.33
N SER A 101 -23.63 8.64 -5.07
CA SER A 101 -22.38 8.14 -4.47
C SER A 101 -21.20 8.52 -5.35
N ALA A 102 -20.06 8.75 -4.70
CA ALA A 102 -18.76 8.98 -5.39
C ALA A 102 -17.82 7.83 -5.02
N THR A 103 -16.85 7.54 -5.87
CA THR A 103 -15.79 6.53 -5.61
C THR A 103 -14.53 7.24 -5.16
N ILE A 104 -14.02 6.90 -3.97
CA ILE A 104 -12.77 7.46 -3.41
C ILE A 104 -11.73 6.35 -3.37
N THR A 105 -10.64 6.58 -4.11
CA THR A 105 -9.40 5.78 -4.13
C THR A 105 -8.42 6.50 -3.22
N VAL A 106 -8.03 5.81 -2.13
CA VAL A 106 -6.92 6.22 -1.22
C VAL A 106 -5.65 5.53 -1.75
N ALA A 107 -4.66 6.30 -2.14
CA ALA A 107 -3.49 5.75 -2.84
C ALA A 107 -2.39 5.43 -1.84
N PRO A 108 -1.54 4.46 -2.20
CA PRO A 108 -0.23 4.30 -1.57
C PRO A 108 0.56 5.60 -1.34
N ALA A 109 1.24 5.72 -0.20
CA ALA A 109 2.36 6.67 0.02
C ALA A 109 3.39 6.40 -1.06
N PRO A 110 3.80 7.39 -1.90
CA PRO A 110 4.76 7.15 -2.97
C PRO A 110 6.02 6.38 -2.51
N SER A 111 6.49 5.47 -3.37
CA SER A 111 7.68 4.59 -3.16
C SER A 111 8.97 5.42 -3.14
N THR A 112 8.90 6.70 -3.55
CA THR A 112 10.02 7.69 -3.54
C THR A 112 10.82 7.62 -2.23
N VAL A 113 12.15 7.77 -2.34
CA VAL A 113 13.08 7.83 -1.17
C VAL A 113 13.24 9.28 -0.74
N ILE A 114 13.00 9.59 0.54
CA ILE A 114 13.19 10.95 1.17
C ILE A 114 14.18 10.86 2.34
N VAL A 115 15.34 11.50 2.21
CA VAL A 115 16.41 11.45 3.25
C VAL A 115 16.14 12.51 4.31
N ILE A 116 16.10 12.11 5.58
CA ILE A 116 15.95 13.02 6.76
C ILE A 116 17.10 12.66 7.69
N GLY A 117 18.19 13.40 7.61
CA GLY A 117 19.48 13.04 8.25
C GLY A 117 20.67 13.41 7.39
N ASP A 118 21.87 12.95 7.72
CA ASP A 118 23.07 13.54 7.08
C ASP A 118 23.93 12.42 6.49
N GLU A 119 25.19 12.78 6.18
CA GLU A 119 26.24 11.87 5.68
C GLU A 119 26.36 10.64 6.60
N VAL A 120 26.32 10.84 7.94
CA VAL A 120 26.72 9.82 8.97
C VAL A 120 25.51 9.06 9.54
N LYS A 121 24.31 9.63 9.56
CA LYS A 121 23.16 8.95 10.19
C LYS A 121 21.87 9.76 9.95
N GLY A 122 20.83 9.02 9.60
CA GLY A 122 19.44 9.41 9.82
C GLY A 122 18.49 8.36 9.30
N LEU A 123 17.46 8.82 8.58
CA LEU A 123 16.33 8.04 8.03
C LEU A 123 16.27 8.25 6.54
N LYS A 124 15.96 7.20 5.79
CA LYS A 124 15.20 7.30 4.52
C LYS A 124 13.75 6.84 4.77
N LYS A 125 12.82 7.73 4.47
CA LYS A 125 11.37 7.45 4.39
C LYS A 125 11.12 6.87 3.00
N ILE A 126 10.73 5.60 2.93
CA ILE A 126 10.49 4.84 1.67
C ILE A 126 9.05 4.30 1.70
N GLY A 127 8.06 5.09 1.27
CA GLY A 127 6.64 4.75 1.46
C GLY A 127 6.30 4.86 2.95
N ASP A 128 5.75 3.82 3.55
CA ASP A 128 5.46 3.72 5.02
C ASP A 128 6.48 2.90 5.82
N ASP A 129 7.63 2.54 5.26
CA ASP A 129 8.79 2.00 6.02
C ASP A 129 9.83 3.12 6.15
N LEU A 130 10.54 3.09 7.26
CA LEU A 130 11.69 3.98 7.56
C LEU A 130 12.98 3.17 7.54
N LEU A 131 13.93 3.57 6.70
CA LEU A 131 15.27 2.91 6.68
C LEU A 131 16.29 3.75 7.44
N PHE A 132 16.57 3.36 8.68
CA PHE A 132 17.59 4.03 9.52
C PHE A 132 19.00 3.65 9.03
N TYR A 133 19.96 4.57 9.08
CA TYR A 133 21.31 4.34 8.54
C TYR A 133 22.37 5.04 9.39
N VAL A 134 23.52 4.39 9.44
CA VAL A 134 24.80 4.88 10.03
C VAL A 134 25.92 4.51 9.08
N ASN A 135 26.57 5.52 8.53
CA ASN A 135 27.72 5.37 7.62
C ASN A 135 29.03 5.53 8.42
N GLY A 136 29.93 4.52 8.38
CA GLY A 136 31.31 4.54 8.92
C GLY A 136 31.45 4.23 10.42
N ALA A 137 31.14 3.00 10.84
CA ALA A 137 31.08 2.57 12.27
C ALA A 137 31.63 1.16 12.41
N THR A 138 32.13 0.76 13.57
CA THR A 138 32.50 -0.66 13.82
C THR A 138 31.28 -1.43 14.29
N PHE A 139 30.26 -0.73 14.76
CA PHE A 139 28.90 -1.27 15.05
C PHE A 139 27.94 -0.09 15.20
N ALA A 140 26.65 -0.38 15.19
CA ALA A 140 25.59 0.64 15.28
C ALA A 140 24.32 -0.04 15.73
N ASP A 141 23.80 0.43 16.85
CA ASP A 141 22.47 0.14 17.39
C ASP A 141 21.59 1.36 17.17
N LEU A 142 20.32 1.08 16.96
CA LEU A 142 19.20 2.03 16.94
C LEU A 142 18.37 1.78 18.21
N HIS A 143 18.03 2.88 18.85
CA HIS A 143 17.09 3.03 20.00
C HIS A 143 15.88 3.87 19.53
N TYR A 144 14.68 3.29 19.59
CA TYR A 144 13.46 3.91 19.02
C TYR A 144 12.22 3.51 19.79
N LYS A 145 11.23 4.37 19.68
CA LYS A 145 9.91 4.20 20.28
C LYS A 145 8.89 4.83 19.32
N VAL A 146 7.67 4.28 19.25
CA VAL A 146 6.60 4.81 18.37
C VAL A 146 5.40 5.19 19.23
N ASN A 147 4.93 6.40 19.05
CA ASN A 147 3.84 6.92 19.90
C ASN A 147 4.24 6.64 21.37
N ASN A 148 3.32 6.09 22.17
CA ASN A 148 3.52 5.75 23.59
C ASN A 148 3.72 4.25 23.75
N GLY A 149 4.17 3.50 22.72
CA GLY A 149 4.73 2.15 22.92
C GLY A 149 6.12 2.20 23.52
N GLY A 150 6.75 1.07 23.89
CA GLY A 150 8.01 1.09 24.65
C GLY A 150 9.25 1.32 23.79
N GLN A 151 10.43 1.43 24.40
CA GLN A 151 11.74 1.43 23.69
C GLN A 151 11.98 0.04 23.08
N LEU A 152 12.49 0.07 21.87
CA LEU A 152 13.00 -1.12 21.17
C LEU A 152 14.46 -0.81 20.90
N ASN A 153 15.35 -1.71 21.32
CA ASN A 153 16.79 -1.69 21.00
C ASN A 153 17.11 -2.79 20.00
N VAL A 154 17.75 -2.40 18.89
CA VAL A 154 18.12 -3.28 17.75
C VAL A 154 19.57 -2.98 17.37
N ALA A 155 20.32 -4.02 17.04
CA ALA A 155 21.63 -3.93 16.38
C ALA A 155 21.36 -3.76 14.89
N MET A 156 21.95 -2.76 14.28
CA MET A 156 21.69 -2.46 12.87
C MET A 156 22.48 -3.45 12.00
N ALA A 157 21.94 -3.77 10.85
CA ALA A 157 22.49 -4.81 10.00
C ALA A 157 23.73 -4.26 9.26
N PRO A 158 24.86 -4.99 9.25
CA PRO A 158 26.01 -4.54 8.48
C PRO A 158 25.73 -4.70 6.98
N THR A 159 26.03 -3.66 6.22
CA THR A 159 26.07 -3.68 4.74
C THR A 159 27.30 -4.48 4.30
N GLY A 160 28.43 -4.32 5.01
CA GLY A 160 29.72 -4.97 4.69
C GLY A 160 30.84 -4.01 4.24
N ASN A 161 30.70 -2.70 4.46
CA ASN A 161 31.72 -1.71 4.07
C ASN A 161 31.91 -0.64 5.17
N GLY A 162 31.53 -0.97 6.41
CA GLY A 162 31.49 -0.01 7.53
C GLY A 162 30.17 0.72 7.63
N ASN A 163 29.15 0.31 6.85
CA ASN A 163 27.82 0.98 6.86
C ASN A 163 26.70 0.06 7.36
N TYR A 164 25.60 0.67 7.81
CA TYR A 164 24.51 -0.02 8.54
C TYR A 164 23.15 0.56 8.21
N THR A 165 22.16 -0.31 8.38
CA THR A 165 20.73 -0.08 8.07
C THR A 165 19.87 -0.89 9.03
N TYR A 166 18.70 -0.35 9.30
CA TYR A 166 17.60 -1.03 9.99
C TYR A 166 16.25 -0.43 9.56
N PRO A 167 15.39 -1.23 8.89
CA PRO A 167 14.04 -0.85 8.52
C PRO A 167 13.06 -0.97 9.69
N VAL A 168 12.32 0.10 9.98
CA VAL A 168 11.09 0.08 10.83
C VAL A 168 9.90 0.04 9.88
N HIS A 169 8.94 -0.85 10.10
CA HIS A 169 7.92 -1.18 9.07
C HIS A 169 6.56 -0.58 9.36
N ASN A 170 5.89 -0.18 8.29
CA ASN A 170 4.43 0.01 8.30
C ASN A 170 4.03 1.08 9.35
N LEU A 171 4.58 2.28 9.24
CA LEU A 171 4.07 3.40 10.03
C LEU A 171 2.82 3.95 9.36
N LYS A 172 1.92 4.54 10.15
CA LYS A 172 0.82 5.32 9.54
C LYS A 172 1.02 6.80 9.84
N HIS A 173 0.30 7.59 9.06
CA HIS A 173 0.12 9.03 9.19
C HIS A 173 0.01 9.39 10.67
N GLY A 174 0.90 10.27 11.12
CA GLY A 174 0.95 10.84 12.48
C GLY A 174 1.68 9.93 13.46
N ASP A 175 2.20 8.78 13.03
CA ASP A 175 3.07 7.95 13.91
C ASP A 175 4.21 8.84 14.35
N THR A 176 4.45 8.91 15.64
CA THR A 176 5.52 9.73 16.24
C THR A 176 6.70 8.81 16.57
N VAL A 177 7.87 9.00 15.95
CA VAL A 177 9.06 8.15 16.15
C VAL A 177 10.15 8.97 16.85
N GLU A 178 10.45 8.60 18.07
CA GLU A 178 11.67 9.08 18.73
C GLU A 178 12.75 8.00 18.59
N TYR A 179 13.92 8.36 18.06
CA TYR A 179 15.09 7.46 17.92
C TYR A 179 16.40 8.19 18.23
N PHE A 180 17.42 7.48 18.67
CA PHE A 180 18.84 7.90 18.53
C PHE A 180 19.68 6.64 18.33
N PHE A 181 20.90 6.82 17.85
CA PHE A 181 21.89 5.77 17.54
C PHE A 181 22.97 5.68 18.62
N THR A 182 23.46 4.46 18.82
CA THR A 182 24.79 4.21 19.42
C THR A 182 25.72 3.64 18.34
N TYR A 183 26.93 4.17 18.20
CA TYR A 183 27.87 3.58 17.22
C TYR A 183 29.31 4.01 17.52
N ASN A 184 30.27 3.27 16.96
CA ASN A 184 31.71 3.56 17.18
C ASN A 184 32.36 3.84 15.83
N PRO A 185 32.58 5.15 15.55
CA PRO A 185 33.20 5.58 14.29
C PRO A 185 34.74 5.56 14.34
N GLY A 186 35.35 5.28 15.50
CA GLY A 186 36.82 5.16 15.66
C GLY A 186 37.24 5.27 17.13
N GLN A 187 37.52 6.51 17.58
CA GLN A 187 37.86 6.90 18.99
C GLN A 187 37.16 5.99 20.02
N GLY A 188 35.85 5.71 19.86
CA GLY A 188 35.05 4.90 20.79
C GLY A 188 33.56 5.14 20.60
N ALA A 189 32.71 4.32 21.22
CA ALA A 189 31.24 4.27 21.04
C ALA A 189 30.62 5.60 21.49
N LEU A 190 29.74 6.16 20.66
CA LEU A 190 29.13 7.51 20.77
C LEU A 190 27.62 7.36 20.62
N ASP A 191 26.86 8.02 21.51
CA ASP A 191 25.38 8.21 21.47
C ASP A 191 25.04 9.46 20.67
N THR A 192 23.94 9.42 19.94
CA THR A 192 23.47 10.53 19.06
C THR A 192 22.40 11.30 19.84
N PRO A 193 22.14 12.58 19.49
CA PRO A 193 21.01 13.29 20.09
C PRO A 193 19.68 12.71 19.61
N TRP A 194 18.69 12.54 20.50
CA TRP A 194 17.37 12.04 20.06
C TRP A 194 16.80 13.03 19.04
N GLN A 195 16.01 12.46 18.14
CA GLN A 195 15.29 13.12 17.06
C GLN A 195 13.85 12.61 17.19
N THR A 196 12.89 13.38 16.69
CA THR A 196 11.46 13.02 16.64
C THR A 196 11.11 13.05 15.16
N TYR A 197 10.51 11.98 14.65
CA TYR A 197 9.94 11.94 13.28
C TYR A 197 8.44 11.68 13.42
N VAL A 198 7.61 12.53 12.79
CA VAL A 198 6.16 12.30 12.65
C VAL A 198 5.97 11.83 11.22
N HIS A 199 5.40 10.64 11.02
CA HIS A 199 5.14 10.08 9.68
C HIS A 199 4.18 10.94 8.85
N GLY A 200 4.65 11.41 7.67
CA GLY A 200 3.88 12.21 6.71
C GLY A 200 3.77 13.70 7.06
N VAL A 201 4.54 14.18 8.04
CA VAL A 201 4.64 15.63 8.37
C VAL A 201 6.11 16.09 8.38
N THR A 202 7.03 15.34 8.96
CA THR A 202 8.46 15.72 8.94
C THR A 202 8.85 15.78 7.47
N GLN A 203 9.34 16.96 7.06
CA GLN A 203 9.85 17.31 5.70
C GLN A 203 11.26 16.73 5.55
N GLY A 204 11.60 16.19 4.38
CA GLY A 204 12.83 15.41 4.23
C GLY A 204 13.91 16.13 3.45
N THR A 205 14.36 15.47 2.37
CA THR A 205 14.98 16.05 1.16
C THR A 205 14.74 15.03 0.05
N PRO A 206 13.88 15.35 -0.94
CA PRO A 206 13.39 14.34 -1.89
C PRO A 206 14.52 13.91 -2.84
N GLU A 207 15.34 12.95 -2.40
CA GLU A 207 16.60 12.49 -3.07
C GLU A 207 16.38 11.06 -3.58
N VAL B 25 43.22 -19.70 0.42
CA VAL B 25 42.31 -20.68 1.09
C VAL B 25 41.18 -19.90 1.77
N PRO B 26 41.41 -19.03 2.80
CA PRO B 26 40.30 -18.38 3.49
C PRO B 26 39.49 -17.48 2.55
N VAL B 27 38.30 -17.03 2.97
CA VAL B 27 37.60 -15.83 2.40
C VAL B 27 37.82 -14.66 3.38
N THR B 28 37.81 -13.43 2.86
CA THR B 28 38.31 -12.22 3.55
C THR B 28 37.14 -11.28 3.80
N GLY B 29 36.10 -11.42 2.98
CA GLY B 29 34.95 -10.50 2.89
C GLY B 29 33.97 -10.91 1.80
N VAL B 30 32.89 -10.15 1.67
CA VAL B 30 31.84 -10.35 0.63
C VAL B 30 30.99 -9.09 0.63
N THR B 31 30.52 -8.61 -0.52
CA THR B 31 29.36 -7.68 -0.59
C THR B 31 28.38 -8.27 -1.59
N VAL B 32 27.15 -7.76 -1.60
CA VAL B 32 26.08 -8.30 -2.46
C VAL B 32 25.80 -7.30 -3.59
N ASN B 33 25.28 -7.90 -4.66
CA ASN B 33 25.10 -7.30 -5.99
C ASN B 33 23.73 -7.68 -6.55
N PRO B 34 22.76 -6.74 -6.68
CA PRO B 34 22.91 -5.34 -6.28
C PRO B 34 22.84 -5.03 -4.79
N THR B 35 23.20 -3.82 -4.40
CA THR B 35 23.19 -3.34 -2.99
C THR B 35 21.82 -2.83 -2.55
N THR B 36 21.09 -2.21 -3.47
CA THR B 36 19.71 -1.75 -3.26
C THR B 36 18.99 -2.10 -4.55
N ALA B 37 17.73 -2.50 -4.46
CA ALA B 37 16.86 -2.83 -5.60
C ALA B 37 15.40 -2.60 -5.13
N GLN B 38 14.53 -2.19 -6.03
CA GLN B 38 13.10 -1.92 -5.76
C GLN B 38 12.36 -2.92 -6.65
N VAL B 39 11.35 -3.64 -6.13
CA VAL B 39 10.47 -4.54 -6.91
C VAL B 39 9.02 -4.17 -6.64
N GLU B 40 8.12 -4.49 -7.57
CA GLU B 40 6.67 -4.58 -7.27
C GLU B 40 6.38 -5.87 -6.55
N VAL B 41 5.34 -5.87 -5.72
CA VAL B 41 4.78 -7.14 -5.18
C VAL B 41 4.70 -8.14 -6.35
N GLY B 42 5.12 -9.37 -6.14
CA GLY B 42 5.00 -10.42 -7.16
C GLY B 42 6.19 -10.44 -8.09
N GLN B 43 7.02 -9.39 -8.14
CA GLN B 43 8.25 -9.33 -9.00
C GLN B 43 9.49 -9.77 -8.22
N SER B 44 10.55 -10.10 -8.96
CA SER B 44 11.84 -10.67 -8.45
C SER B 44 13.08 -9.90 -8.95
N VAL B 45 14.19 -10.07 -8.23
CA VAL B 45 15.51 -9.50 -8.59
C VAL B 45 16.58 -10.50 -8.12
N GLN B 46 17.53 -10.85 -8.99
CA GLN B 46 18.56 -11.88 -8.73
C GLN B 46 19.67 -11.23 -7.90
N LEU B 47 19.93 -11.73 -6.70
CA LEU B 47 21.04 -11.19 -5.91
C LEU B 47 22.28 -12.07 -6.18
N ASN B 48 23.44 -11.46 -6.07
CA ASN B 48 24.70 -12.19 -6.34
C ASN B 48 25.69 -11.73 -5.28
N ALA B 49 26.38 -12.69 -4.69
CA ALA B 49 27.36 -12.39 -3.64
C ALA B 49 28.77 -12.52 -4.24
N SER B 50 29.55 -11.46 -4.13
CA SER B 50 30.96 -11.43 -4.58
C SER B 50 31.86 -11.54 -3.35
N VAL B 51 32.58 -12.65 -3.23
CA VAL B 51 33.42 -12.97 -2.03
C VAL B 51 34.89 -12.69 -2.37
N ALA B 52 35.56 -11.81 -1.61
CA ALA B 52 36.97 -11.40 -1.73
C ALA B 52 37.84 -12.65 -1.89
N PRO B 53 39.11 -12.50 -2.38
CA PRO B 53 39.70 -13.31 -3.46
C PRO B 53 38.87 -14.35 -4.24
N SER B 54 38.99 -14.35 -5.58
CA SER B 54 38.69 -15.50 -6.50
C SER B 54 39.49 -16.72 -6.00
N ASN B 55 40.70 -16.45 -5.50
CA ASN B 55 41.59 -17.44 -4.82
C ASN B 55 41.15 -17.60 -3.35
N ALA B 56 39.92 -17.21 -3.00
CA ALA B 56 39.19 -17.74 -1.82
C ALA B 56 38.72 -19.17 -2.13
N THR B 57 39.09 -20.15 -1.28
CA THR B 57 38.84 -21.59 -1.55
C THR B 57 37.33 -21.78 -1.70
N ASN B 58 36.56 -21.40 -0.68
CA ASN B 58 35.09 -21.59 -0.61
C ASN B 58 34.35 -20.28 -0.97
N LYS B 59 33.51 -20.33 -2.01
CA LYS B 59 32.73 -19.17 -2.52
C LYS B 59 31.32 -19.19 -1.90
N GLN B 60 30.72 -20.38 -1.68
CA GLN B 60 29.29 -20.60 -1.30
C GLN B 60 28.82 -19.65 -0.17
N VAL B 61 27.59 -19.17 -0.27
CA VAL B 61 26.96 -18.26 0.72
C VAL B 61 25.60 -18.81 1.12
N THR B 62 25.10 -18.42 2.30
CA THR B 62 23.69 -18.57 2.74
C THR B 62 22.98 -17.22 2.63
N TRP B 63 21.85 -17.21 1.96
CA TRP B 63 20.96 -16.03 1.83
C TRP B 63 19.98 -16.07 3.00
N SER B 64 19.78 -14.96 3.67
CA SER B 64 18.65 -14.81 4.61
C SER B 64 17.99 -13.44 4.43
N VAL B 65 16.80 -13.26 5.01
CA VAL B 65 16.03 -11.99 4.97
C VAL B 65 15.55 -11.62 6.39
N SER B 66 15.74 -10.37 6.83
CA SER B 66 15.23 -9.77 8.10
C SER B 66 13.71 -9.77 8.12
N GLY B 67 13.06 -9.50 6.99
CA GLY B 67 11.61 -9.25 6.94
C GLY B 67 10.89 -10.14 5.94
N SER B 68 10.72 -11.40 6.26
CA SER B 68 10.16 -12.44 5.37
C SER B 68 8.73 -12.12 4.89
N SER B 69 7.94 -11.27 5.58
CA SER B 69 6.54 -10.92 5.15
C SER B 69 6.60 -10.05 3.89
N ILE B 70 7.69 -9.29 3.80
CA ILE B 70 7.92 -8.24 2.78
CA ILE B 70 7.91 -8.23 2.78
C ILE B 70 8.52 -8.89 1.53
N ALA B 71 9.55 -9.72 1.73
CA ALA B 71 10.29 -10.38 0.64
C ALA B 71 10.85 -11.74 1.08
N SER B 72 10.74 -12.71 0.15
CA SER B 72 11.25 -14.10 0.20
C SER B 72 12.57 -14.18 -0.60
N VAL B 73 13.58 -14.90 -0.10
CA VAL B 73 14.85 -15.08 -0.85
C VAL B 73 15.08 -16.59 -0.98
N SER B 74 15.36 -17.06 -2.20
CA SER B 74 15.65 -18.47 -2.53
C SER B 74 17.08 -18.85 -2.09
N PRO B 75 17.38 -20.15 -2.00
CA PRO B 75 18.73 -20.60 -1.67
C PRO B 75 19.82 -20.12 -2.63
N ASN B 76 19.48 -19.68 -3.85
CA ASN B 76 20.42 -19.02 -4.81
C ASN B 76 20.19 -17.51 -4.97
N GLY B 77 19.61 -16.84 -3.99
CA GLY B 77 19.61 -15.37 -3.88
C GLY B 77 18.56 -14.71 -4.77
N LEU B 78 17.57 -15.43 -5.29
CA LEU B 78 16.42 -14.77 -5.97
C LEU B 78 15.44 -14.23 -4.91
N VAL B 79 15.24 -12.92 -4.92
CA VAL B 79 14.33 -12.20 -4.00
C VAL B 79 13.00 -11.95 -4.72
N THR B 80 11.88 -12.43 -4.17
CA THR B 80 10.54 -12.12 -4.70
C THR B 80 9.81 -11.17 -3.74
N GLY B 81 9.13 -10.15 -4.27
CA GLY B 81 8.33 -9.20 -3.48
C GLY B 81 6.98 -9.82 -3.10
N LEU B 82 6.69 -9.89 -1.80
CA LEU B 82 5.43 -10.42 -1.27
C LEU B 82 4.55 -9.27 -0.82
N ALA B 83 5.09 -8.17 -0.30
CA ALA B 83 4.27 -7.12 0.33
C ALA B 83 5.09 -5.87 0.57
N GLN B 84 4.40 -4.73 0.53
CA GLN B 84 4.97 -3.36 0.66
C GLN B 84 5.84 -3.24 1.89
N GLY B 85 6.98 -2.60 1.74
CA GLY B 85 7.98 -2.35 2.80
C GLY B 85 9.35 -2.46 2.20
N THR B 86 10.37 -2.22 3.03
CA THR B 86 11.80 -2.33 2.73
C THR B 86 12.38 -3.41 3.68
N THR B 87 13.25 -4.32 3.19
CA THR B 87 13.83 -5.40 4.04
C THR B 87 15.29 -5.55 3.64
N THR B 88 16.01 -6.37 4.37
CA THR B 88 17.48 -6.60 4.24
C THR B 88 17.68 -8.08 3.96
N VAL B 89 18.20 -8.37 2.79
CA VAL B 89 18.63 -9.74 2.43
C VAL B 89 20.15 -9.75 2.60
N THR B 90 20.63 -10.73 3.37
CA THR B 90 22.06 -10.84 3.75
C THR B 90 22.62 -12.14 3.17
N ALA B 91 23.81 -12.04 2.59
CA ALA B 91 24.66 -13.18 2.20
C ALA B 91 25.77 -13.35 3.24
N THR B 92 25.80 -14.48 3.91
CA THR B 92 26.88 -14.87 4.83
C THR B 92 27.63 -16.07 4.21
N THR B 93 28.96 -16.04 4.28
CA THR B 93 29.90 -16.99 3.61
C THR B 93 29.96 -18.30 4.41
N ALA B 94 30.04 -19.47 3.75
CA ALA B 94 30.14 -20.79 4.40
C ALA B 94 31.50 -20.90 5.10
N ASP B 95 32.56 -20.67 4.33
CA ASP B 95 33.93 -20.33 4.83
C ASP B 95 33.92 -18.86 5.28
N GLY B 96 33.93 -18.58 6.60
CA GLY B 96 34.30 -17.27 7.19
C GLY B 96 33.20 -16.69 8.04
N ASN B 97 31.96 -17.02 7.66
CA ASN B 97 30.73 -16.26 8.03
C ASN B 97 31.02 -14.76 8.06
N LYS B 98 31.59 -14.21 6.97
CA LYS B 98 31.51 -12.75 6.69
C LYS B 98 30.09 -12.47 6.14
N ALA B 99 29.52 -11.30 6.46
CA ALA B 99 28.14 -10.96 6.09
C ALA B 99 28.07 -9.60 5.41
N ALA B 100 27.25 -9.51 4.36
CA ALA B 100 26.86 -8.28 3.62
C ALA B 100 25.36 -8.34 3.24
N SER B 101 24.83 -7.21 2.82
CA SER B 101 23.37 -6.91 2.79
C SER B 101 23.00 -6.18 1.52
N ALA B 102 21.81 -6.42 0.99
CA ALA B 102 21.14 -5.49 0.04
C ALA B 102 19.89 -4.96 0.76
N THR B 103 19.54 -3.71 0.52
CA THR B 103 18.24 -3.14 0.95
C THR B 103 17.27 -3.35 -0.18
N ILE B 104 16.21 -4.14 0.03
CA ILE B 104 15.17 -4.41 -0.98
C ILE B 104 13.94 -3.59 -0.60
N THR B 105 13.47 -2.69 -1.47
CA THR B 105 12.18 -1.98 -1.40
C THR B 105 11.16 -2.68 -2.29
N VAL B 106 10.06 -3.16 -1.70
CA VAL B 106 8.87 -3.70 -2.41
C VAL B 106 7.83 -2.56 -2.49
N ALA B 107 7.60 -2.05 -3.69
CA ALA B 107 6.64 -0.97 -4.02
C ALA B 107 5.23 -1.50 -4.10
N PRO B 108 4.24 -0.70 -3.66
CA PRO B 108 2.83 -1.07 -3.81
C PRO B 108 2.44 -1.07 -5.30
N ALA B 109 1.39 -1.85 -5.61
CA ALA B 109 0.69 -1.86 -6.92
C ALA B 109 0.24 -0.44 -7.22
N PRO B 110 0.63 0.14 -8.37
CA PRO B 110 0.07 1.42 -8.81
C PRO B 110 -1.45 1.49 -8.58
N SER B 111 -1.93 2.67 -8.16
CA SER B 111 -3.36 3.08 -8.29
C SER B 111 -3.62 3.74 -9.65
N THR B 112 -3.04 3.18 -10.72
CA THR B 112 -3.58 3.23 -12.12
C THR B 112 -4.93 2.51 -12.15
N VAL B 113 -5.80 2.80 -13.12
CA VAL B 113 -7.09 2.08 -13.29
C VAL B 113 -6.98 1.14 -14.48
N ILE B 114 -7.39 -0.11 -14.31
CA ILE B 114 -7.39 -1.13 -15.41
C ILE B 114 -8.81 -1.68 -15.60
N VAL B 115 -9.45 -1.37 -16.74
CA VAL B 115 -10.83 -1.83 -17.05
C VAL B 115 -10.75 -3.28 -17.54
N ILE B 116 -11.47 -4.22 -16.91
CA ILE B 116 -11.68 -5.62 -17.38
C ILE B 116 -13.19 -5.90 -17.44
N GLY B 117 -13.78 -5.51 -18.58
CA GLY B 117 -15.19 -5.76 -18.97
C GLY B 117 -15.64 -4.83 -20.09
N ASP B 118 -16.95 -4.67 -20.27
CA ASP B 118 -17.51 -3.90 -21.42
C ASP B 118 -18.22 -2.66 -20.88
N GLU B 119 -18.99 -1.95 -21.72
CA GLU B 119 -19.75 -0.73 -21.30
C GLU B 119 -20.82 -1.07 -20.24
N VAL B 120 -21.26 -2.33 -20.12
CA VAL B 120 -22.39 -2.72 -19.23
C VAL B 120 -21.88 -3.29 -17.90
N LYS B 121 -20.71 -3.93 -17.86
CA LYS B 121 -20.28 -4.72 -16.67
C LYS B 121 -18.80 -5.12 -16.73
N GLY B 122 -18.21 -5.30 -15.55
CA GLY B 122 -16.81 -5.69 -15.37
C GLY B 122 -16.23 -5.16 -14.06
N LEU B 123 -14.89 -5.12 -13.98
CA LEU B 123 -14.09 -4.57 -12.86
C LEU B 123 -13.23 -3.41 -13.38
N LYS B 124 -12.91 -2.50 -12.48
CA LYS B 124 -11.69 -1.67 -12.51
C LYS B 124 -10.76 -2.27 -11.47
N LYS B 125 -9.53 -2.59 -11.85
CA LYS B 125 -8.47 -2.92 -10.90
C LYS B 125 -7.82 -1.58 -10.53
N ILE B 126 -7.90 -1.18 -9.27
CA ILE B 126 -7.32 0.07 -8.69
C ILE B 126 -6.37 -0.38 -7.57
N GLY B 127 -5.08 -0.45 -7.88
CA GLY B 127 -4.08 -1.14 -7.03
C GLY B 127 -4.52 -2.54 -6.66
N ASP B 128 -4.85 -2.76 -5.40
CA ASP B 128 -5.25 -4.11 -4.90
C ASP B 128 -6.77 -4.22 -4.62
N ASP B 129 -7.57 -3.23 -4.99
CA ASP B 129 -9.06 -3.31 -4.87
C ASP B 129 -9.63 -3.50 -6.26
N LEU B 130 -10.73 -4.21 -6.36
CA LEU B 130 -11.54 -4.28 -7.59
C LEU B 130 -12.82 -3.48 -7.42
N LEU B 131 -13.06 -2.53 -8.31
CA LEU B 131 -14.37 -1.86 -8.37
C LEU B 131 -15.14 -2.58 -9.46
N PHE B 132 -15.99 -3.52 -9.06
CA PHE B 132 -17.07 -4.13 -9.87
C PHE B 132 -18.11 -3.04 -10.20
N TYR B 133 -18.72 -3.15 -11.38
CA TYR B 133 -19.69 -2.18 -11.95
C TYR B 133 -20.70 -2.88 -12.86
N VAL B 134 -21.92 -2.37 -12.77
CA VAL B 134 -22.98 -2.54 -13.79
C VAL B 134 -23.50 -1.14 -14.17
N ASN B 135 -23.55 -0.85 -15.48
CA ASN B 135 -24.14 0.40 -16.03
C ASN B 135 -25.49 0.12 -16.68
N GLY B 136 -26.51 0.93 -16.36
CA GLY B 136 -27.85 0.90 -16.97
C GLY B 136 -28.69 -0.27 -16.48
N ALA B 137 -29.14 -0.19 -15.24
CA ALA B 137 -30.00 -1.24 -14.62
C ALA B 137 -30.85 -0.67 -13.48
N THR B 138 -31.87 -1.44 -13.07
CA THR B 138 -32.88 -1.08 -12.04
C THR B 138 -32.46 -1.61 -10.66
N PHE B 139 -31.62 -2.65 -10.65
CA PHE B 139 -30.78 -3.08 -9.51
C PHE B 139 -29.61 -3.87 -10.09
N ALA B 140 -28.65 -4.21 -9.24
CA ALA B 140 -27.52 -5.07 -9.62
C ALA B 140 -27.00 -5.71 -8.35
N ASP B 141 -26.86 -7.03 -8.38
CA ASP B 141 -26.13 -7.77 -7.33
C ASP B 141 -24.86 -8.34 -7.93
N LEU B 142 -23.88 -8.59 -7.06
CA LEU B 142 -22.62 -9.30 -7.32
C LEU B 142 -22.63 -10.63 -6.55
N HIS B 143 -22.22 -11.68 -7.25
CA HIS B 143 -21.95 -13.03 -6.70
C HIS B 143 -20.46 -13.33 -6.93
N TYR B 144 -19.68 -13.39 -5.86
CA TYR B 144 -18.22 -13.61 -6.01
C TYR B 144 -17.72 -14.60 -4.97
N LYS B 145 -16.64 -15.25 -5.34
CA LYS B 145 -15.87 -16.21 -4.50
C LYS B 145 -14.38 -15.90 -4.69
N VAL B 146 -13.57 -15.95 -3.64
CA VAL B 146 -12.12 -15.65 -3.77
C VAL B 146 -11.39 -16.95 -3.46
N ASN B 147 -10.53 -17.39 -4.39
CA ASN B 147 -9.86 -18.71 -4.27
C ASN B 147 -10.87 -19.77 -3.82
N ASN B 148 -10.54 -20.54 -2.80
CA ASN B 148 -11.42 -21.60 -2.26
C ASN B 148 -12.20 -21.11 -1.05
N GLY B 149 -12.45 -19.79 -0.93
CA GLY B 149 -13.40 -19.27 0.08
C GLY B 149 -14.84 -19.50 -0.35
N GLY B 150 -15.78 -19.02 0.47
CA GLY B 150 -17.22 -19.15 0.22
C GLY B 150 -17.74 -18.13 -0.80
N GLN B 151 -18.84 -18.40 -1.46
CA GLN B 151 -19.53 -17.37 -2.31
C GLN B 151 -20.09 -16.25 -1.46
N LEU B 152 -19.94 -15.02 -1.86
CA LEU B 152 -20.61 -13.90 -1.17
C LEU B 152 -21.56 -13.26 -2.17
N ASN B 153 -22.75 -12.94 -1.66
CA ASN B 153 -23.83 -12.20 -2.38
C ASN B 153 -23.94 -10.82 -1.78
N VAL B 154 -23.86 -9.79 -2.63
CA VAL B 154 -23.92 -8.37 -2.20
C VAL B 154 -24.82 -7.63 -3.18
N ALA B 155 -25.59 -6.65 -2.69
CA ALA B 155 -26.33 -5.68 -3.53
C ALA B 155 -25.33 -4.59 -3.95
N MET B 156 -25.21 -4.31 -5.22
CA MET B 156 -24.25 -3.27 -5.63
C MET B 156 -24.88 -1.92 -5.32
N ALA B 157 -24.03 -0.96 -4.93
CA ALA B 157 -24.40 0.37 -4.44
C ALA B 157 -24.84 1.20 -5.63
N PRO B 158 -26.04 1.81 -5.55
CA PRO B 158 -26.45 2.78 -6.56
C PRO B 158 -25.56 4.02 -6.60
N THR B 159 -25.21 4.48 -7.79
CA THR B 159 -24.49 5.76 -8.03
C THR B 159 -25.46 6.93 -8.09
N GLY B 160 -26.72 6.70 -8.48
CA GLY B 160 -27.75 7.74 -8.62
C GLY B 160 -27.96 8.18 -10.06
N ASN B 161 -27.64 7.32 -11.02
CA ASN B 161 -27.89 7.58 -12.46
C ASN B 161 -28.13 6.26 -13.18
N GLY B 162 -28.61 5.24 -12.48
CA GLY B 162 -28.89 3.92 -13.07
C GLY B 162 -27.65 3.06 -13.19
N ASN B 163 -26.57 3.44 -12.51
CA ASN B 163 -25.35 2.58 -12.44
C ASN B 163 -24.97 2.20 -11.01
N TYR B 164 -24.16 1.14 -10.91
CA TYR B 164 -23.86 0.36 -9.68
C TYR B 164 -22.38 0.06 -9.60
N THR B 165 -21.86 0.09 -8.38
CA THR B 165 -20.44 -0.24 -8.11
C THR B 165 -20.38 -1.03 -6.81
N TYR B 166 -19.28 -1.78 -6.63
CA TYR B 166 -19.01 -2.58 -5.43
C TYR B 166 -17.51 -2.92 -5.31
N PRO B 167 -16.80 -2.33 -4.34
CA PRO B 167 -15.37 -2.60 -4.23
C PRO B 167 -15.15 -3.92 -3.49
N VAL B 168 -14.34 -4.82 -4.03
CA VAL B 168 -13.69 -5.90 -3.26
C VAL B 168 -12.28 -5.42 -2.84
N HIS B 169 -11.92 -5.60 -1.58
CA HIS B 169 -10.80 -4.88 -0.94
C HIS B 169 -9.59 -5.82 -0.80
N ASN B 170 -8.40 -5.30 -1.08
CA ASN B 170 -7.16 -5.89 -0.54
C ASN B 170 -6.95 -7.29 -1.12
N LEU B 171 -7.00 -7.43 -2.42
CA LEU B 171 -6.59 -8.71 -3.04
C LEU B 171 -5.06 -8.80 -3.06
N LYS B 172 -4.50 -9.99 -2.93
CA LYS B 172 -3.04 -10.17 -3.09
C LYS B 172 -2.74 -10.91 -4.38
N HIS B 173 -1.55 -10.72 -4.90
CA HIS B 173 -1.04 -11.38 -6.13
C HIS B 173 -1.40 -12.86 -6.10
N GLY B 174 -1.98 -13.34 -7.22
CA GLY B 174 -2.42 -14.73 -7.41
C GLY B 174 -3.85 -14.99 -6.94
N ASP B 175 -4.50 -14.09 -6.19
CA ASP B 175 -5.93 -14.26 -5.77
C ASP B 175 -6.78 -14.51 -7.01
N THR B 176 -7.66 -15.47 -6.89
CA THR B 176 -8.51 -15.90 -8.00
C THR B 176 -9.97 -15.55 -7.64
N VAL B 177 -10.53 -14.59 -8.37
CA VAL B 177 -11.93 -14.11 -8.15
C VAL B 177 -12.82 -14.71 -9.24
N GLU B 178 -13.79 -15.52 -8.82
CA GLU B 178 -14.90 -15.95 -9.66
C GLU B 178 -16.13 -15.10 -9.34
N TYR B 179 -16.81 -14.59 -10.36
CA TYR B 179 -17.98 -13.74 -10.17
C TYR B 179 -18.89 -13.71 -11.39
N PHE B 180 -20.16 -13.44 -11.11
CA PHE B 180 -21.17 -12.99 -12.10
C PHE B 180 -22.13 -12.03 -11.40
N PHE B 181 -22.90 -11.28 -12.19
CA PHE B 181 -23.92 -10.28 -11.76
C PHE B 181 -25.33 -10.83 -11.94
N THR B 182 -26.23 -10.44 -11.06
CA THR B 182 -27.67 -10.37 -11.36
C THR B 182 -28.07 -8.90 -11.49
N TYR B 183 -28.57 -8.51 -12.67
CA TYR B 183 -29.12 -7.16 -12.89
C TYR B 183 -30.32 -7.24 -13.83
N ASN B 184 -31.18 -6.21 -13.76
CA ASN B 184 -32.37 -5.97 -14.64
C ASN B 184 -32.15 -4.69 -15.44
N PRO B 185 -31.85 -4.77 -16.76
CA PRO B 185 -31.63 -3.59 -17.59
C PRO B 185 -32.95 -3.02 -18.14
N GLY B 186 -34.08 -3.64 -17.77
CA GLY B 186 -35.45 -3.07 -17.90
C GLY B 186 -36.43 -4.17 -18.31
N GLN B 187 -36.14 -4.83 -19.43
CA GLN B 187 -37.02 -5.86 -20.01
C GLN B 187 -36.77 -7.17 -19.23
N GLY B 188 -36.34 -7.10 -17.96
CA GLY B 188 -36.30 -8.24 -17.01
C GLY B 188 -34.91 -8.68 -16.58
N ALA B 189 -34.82 -9.42 -15.46
CA ALA B 189 -33.55 -9.79 -14.77
C ALA B 189 -32.80 -10.90 -15.50
N LEU B 190 -31.50 -10.97 -15.25
CA LEU B 190 -30.46 -11.72 -16.00
C LEU B 190 -29.41 -12.17 -14.99
N ASP B 191 -28.85 -13.36 -15.13
CA ASP B 191 -27.55 -13.76 -14.52
C ASP B 191 -26.54 -13.79 -15.66
N THR B 192 -25.43 -13.05 -15.58
CA THR B 192 -24.31 -13.09 -16.56
C THR B 192 -23.53 -14.39 -16.35
N PRO B 193 -22.57 -14.74 -17.23
CA PRO B 193 -21.79 -15.96 -17.04
C PRO B 193 -20.67 -15.70 -16.05
N TRP B 194 -20.18 -16.69 -15.29
CA TRP B 194 -19.04 -16.47 -14.36
C TRP B 194 -17.80 -16.19 -15.18
N GLN B 195 -17.06 -15.20 -14.72
CA GLN B 195 -15.72 -14.89 -15.22
C GLN B 195 -14.77 -15.16 -14.06
N THR B 196 -13.50 -15.27 -14.40
CA THR B 196 -12.37 -15.60 -13.49
C THR B 196 -11.42 -14.43 -13.63
N TYR B 197 -11.12 -13.74 -12.54
CA TYR B 197 -10.05 -12.74 -12.48
C TYR B 197 -8.91 -13.33 -11.63
N VAL B 198 -7.66 -13.23 -12.08
CA VAL B 198 -6.47 -13.61 -11.28
C VAL B 198 -5.70 -12.32 -11.00
N HIS B 199 -5.51 -11.98 -9.73
CA HIS B 199 -4.93 -10.67 -9.36
C HIS B 199 -3.46 -10.56 -9.73
N GLY B 200 -3.14 -9.58 -10.59
CA GLY B 200 -1.77 -9.28 -11.07
C GLY B 200 -1.41 -10.08 -12.32
N VAL B 201 -2.34 -10.87 -12.83
CA VAL B 201 -2.16 -11.77 -14.00
C VAL B 201 -3.14 -11.32 -15.08
N THR B 202 -4.46 -11.47 -14.85
CA THR B 202 -5.51 -10.92 -15.76
C THR B 202 -5.13 -9.48 -16.09
N GLN B 203 -5.30 -9.04 -17.34
CA GLN B 203 -5.06 -7.65 -17.80
C GLN B 203 -6.30 -7.09 -18.50
N GLY B 204 -6.37 -5.77 -18.58
CA GLY B 204 -7.41 -5.05 -19.32
C GLY B 204 -6.76 -3.83 -19.95
N THR B 205 -7.54 -2.79 -20.26
CA THR B 205 -6.99 -1.55 -20.84
C THR B 205 -7.12 -0.43 -19.80
N PRO B 206 -6.03 0.33 -19.51
CA PRO B 206 -6.12 1.49 -18.64
C PRO B 206 -6.47 2.78 -19.40
N GLU B 207 -7.77 3.15 -19.46
CA GLU B 207 -8.28 4.46 -19.98
C GLU B 207 -9.80 4.37 -20.25
O1 PG4 C . 18.72 6.47 -1.75
C1 PG4 C . 17.85 5.66 -2.55
C2 PG4 C . 17.70 4.22 -2.12
O2 PG4 C . 17.98 4.07 -0.72
C3 PG4 C . 18.08 2.70 -0.30
C4 PG4 C . 19.46 2.36 0.26
O3 PG4 C . 19.60 2.79 1.61
C5 PG4 C . 20.93 2.70 2.13
C6 PG4 C . 21.11 3.70 3.24
O4 PG4 C . 22.11 4.66 2.87
C7 PG4 C . 21.76 6.03 3.12
C8 PG4 C . 23.00 6.86 3.31
O5 PG4 C . 23.50 7.44 2.10
HO1 PG4 C . 18.79 7.28 -2.03
H11 PG4 C . 18.17 5.68 -3.48
H12 PG4 C . 16.96 6.08 -2.54
H21 PG4 C . 18.33 3.66 -2.62
H22 PG4 C . 16.80 3.91 -2.30
H31 PG4 C . 17.89 2.11 -1.06
H32 PG4 C . 17.40 2.53 0.38
H41 PG4 C . 20.16 2.79 -0.29
H42 PG4 C . 19.61 1.39 0.22
H51 PG4 C . 21.57 2.89 1.40
H52 PG4 C . 21.09 1.79 2.46
H61 PG4 C . 21.39 3.23 4.05
H62 PG4 C . 20.26 4.16 3.41
H71 PG4 C . 21.21 6.07 3.93
H72 PG4 C . 21.26 6.37 2.37
H81 PG4 C . 23.71 6.30 3.70
H82 PG4 C . 22.80 7.59 3.93
HO5 PG4 C . 23.67 6.81 1.54
C1 GOL D . -34.69 26.54 -7.92
O1 GOL D . -35.16 25.38 -8.63
C2 GOL D . -35.15 27.84 -8.52
O2 GOL D . -35.08 28.84 -7.51
C3 GOL D . -34.31 28.27 -9.71
O3 GOL D . -35.08 28.83 -10.76
H11 GOL D . -33.73 26.53 -7.91
H12 GOL D . -35.01 26.48 -7.02
HO1 GOL D . -34.87 24.67 -8.26
H2 GOL D . -36.09 27.75 -8.83
HO2 GOL D . -34.48 29.42 -7.88
H31 GOL D . -33.82 27.49 -10.04
H32 GOL D . -33.64 28.94 -9.41
HO3 GOL D . -35.41 29.56 -10.49
C1 GOL E . 18.97 -20.56 6.09
O1 GOL E . 19.82 -21.62 6.50
C2 GOL E . 18.48 -19.75 7.28
O2 GOL E . 17.50 -18.81 6.85
C3 GOL E . 19.59 -19.03 8.03
O3 GOL E . 19.12 -18.55 9.29
H11 GOL E . 18.19 -20.92 5.60
H12 GOL E . 19.47 -19.96 5.48
HO1 GOL E . 19.99 -21.92 5.74
H2 GOL E . 18.05 -20.38 7.91
HO2 GOL E . 17.66 -17.97 7.20
H31 GOL E . 19.90 -18.27 7.48
H32 GOL E . 20.35 -19.65 8.17
HO3 GOL E . 18.50 -18.00 9.16
C1 PG6 F . -15.65 5.64 -16.79
O1 PG6 F . -14.69 4.59 -16.84
C2 PG6 F . -13.44 4.90 -17.48
C3 PG6 F . -12.44 5.67 -16.62
O2 PG6 F . -11.85 4.82 -15.63
C4 PG6 F . -10.90 5.47 -14.77
C5 PG6 F . -11.56 6.20 -13.59
O3 PG6 F . -12.19 5.30 -12.66
C6 PG6 F . -13.24 5.93 -11.93
C7 PG6 F . -13.78 5.09 -10.81
O4 PG6 F . -14.80 4.20 -11.26
C8 PG6 F . -16.11 4.74 -11.36
C9 PG6 F . -17.16 3.65 -11.50
O5 PG6 F . -16.94 2.76 -12.61
C10 PG6 F . -17.43 3.24 -13.86
C11 PG6 F . -17.56 2.09 -14.83
O6 PG6 F . -17.42 2.56 -16.17
C12 PG6 F . -16.46 1.94 -17.02
H11 PG6 F . -16.46 5.31 -16.36
H12 PG6 F . -15.87 5.92 -17.70
H13 PG6 F . -15.29 6.39 -16.30
H21 PG6 F . -13.63 5.44 -18.29
H22 PG6 F . -13.02 4.07 -17.78
H31 PG6 F . -12.90 6.42 -16.17
H32 PG6 F . -11.73 6.05 -17.19
H41 PG6 F . -10.38 6.11 -15.29
H42 PG6 F . -10.29 4.80 -14.42
H51 PG6 F . -12.23 6.82 -13.94
H52 PG6 F . -10.88 6.72 -13.13
H61 PG6 F . -13.98 6.14 -12.55
H62 PG6 F . -12.92 6.78 -11.56
H71 PG6 F . -14.14 5.67 -10.11
H72 PG6 F . -13.04 4.57 -10.42
H81 PG6 F . -16.16 5.33 -12.14
H82 PG6 F . -16.30 5.27 -10.56
H91 PG6 F . -18.05 4.06 -11.60
H92 PG6 F . -17.18 3.11 -10.68
H101 PG6 F . -16.81 3.91 -14.23
H102 PG6 F . -18.30 3.67 -13.73
H111 PG6 F . -18.44 1.67 -14.72
H112 PG6 F . -16.87 1.42 -14.64
H121 PG6 F . -16.89 1.26 -17.57
H122 PG6 F . -15.77 1.51 -16.48
H123 PG6 F . -16.04 2.61 -17.60
CL CL G . 8.53 -9.52 8.41
CL CL H . 13.51 -6.14 7.80
CL CL I . 9.75 -15.44 9.63
#